data_4H7K
#
_entry.id   4H7K
#
_cell.length_a   50.538
_cell.length_b   72.153
_cell.length_c   73.584
_cell.angle_alpha   90.00
_cell.angle_beta   90.00
_cell.angle_gamma   90.00
#
_symmetry.space_group_name_H-M   'P 21 21 2'
#
loop_
_entity.id
_entity.type
_entity.pdbx_description
1 polymer 'Haloalkane dehalogenase'
2 non-polymer 'CHLORIDE ION'
3 non-polymer 'CALCIUM ION'
4 water water
#
_entity_poly.entity_id   1
_entity_poly.type   'polypeptide(L)'
_entity_poly.pdbx_seq_one_letter_code
;MSLGAKPFGEKKFIEIKGRRMAYIDEGTGDPILFQHGNPTSSYLWRNIMPHCAGLGRLIACDLIGMGDSDKLDPSGPERY
TYAEHRDYLDALWEALDLGDRVVLVVHDWGSVLGFDWARRHRERVQGIAYMEAVTMPLEWADFPEQDRDLFQAFRSQAGE
ELVLQDNVFVEQVLPGLILRPLSEAEMAAYREPFLAAGEARRPTLSWPRQIPIAGTPADVVAIARDYAGWLSESPIPKLF
INAEPGHLTTGRMRDFCRTWPNQTEITVAGAHFIQEDSPDEIGAAIAAFVRRLRPAHHHHHH
;
_entity_poly.pdbx_strand_id   A
#
loop_
_chem_comp.id
_chem_comp.type
_chem_comp.name
_chem_comp.formula
CA non-polymer 'CALCIUM ION' 'Ca 2'
CL non-polymer 'CHLORIDE ION' 'Cl -1'
#
# COMPACT_ATOMS: atom_id res chain seq x y z
N SER A 2 -2.87 20.27 2.90
CA SER A 2 -1.82 20.62 3.91
C SER A 2 -1.38 19.36 4.65
N LEU A 3 -0.35 19.48 5.49
CA LEU A 3 0.01 18.40 6.42
C LEU A 3 -1.01 18.37 7.57
N GLY A 4 -0.70 17.64 8.63
CA GLY A 4 -1.64 17.51 9.74
C GLY A 4 -1.78 16.08 10.21
N ALA A 5 -2.15 15.93 11.49
CA ALA A 5 -2.22 14.62 12.13
C ALA A 5 -3.62 14.01 12.19
N LYS A 6 -4.65 14.82 11.93
CA LYS A 6 -6.04 14.36 11.96
C LYS A 6 -6.34 13.33 10.87
N PRO A 7 -7.05 12.23 11.23
CA PRO A 7 -7.49 11.30 10.18
C PRO A 7 -8.53 11.94 9.26
N PHE A 8 -8.70 11.36 8.08
CA PHE A 8 -9.71 11.83 7.14
C PHE A 8 -10.98 11.05 7.41
N GLY A 9 -12.10 11.76 7.54
CA GLY A 9 -13.41 11.09 7.74
C GLY A 9 -13.56 10.19 8.96
N GLU A 10 -14.58 9.34 8.91
CA GLU A 10 -15.01 8.48 10.00
C GLU A 10 -14.67 7.02 9.69
N LYS A 11 -14.12 6.28 10.66
CA LYS A 11 -13.87 4.86 10.46
C LYS A 11 -15.21 4.10 10.46
N LYS A 12 -15.45 3.32 9.42
CA LYS A 12 -16.61 2.42 9.33
C LYS A 12 -16.13 0.98 9.47
N PHE A 13 -17.03 0.08 9.87
CA PHE A 13 -16.68 -1.31 10.11
C PHE A 13 -17.64 -2.25 9.42
N ILE A 14 -17.11 -3.37 8.93
CA ILE A 14 -17.93 -4.36 8.25
C ILE A 14 -17.39 -5.76 8.53
N GLU A 15 -18.30 -6.72 8.70
CA GLU A 15 -17.89 -8.09 8.99
C GLU A 15 -17.53 -8.84 7.72
N ILE A 16 -16.30 -9.36 7.70
CA ILE A 16 -15.73 -10.10 6.58
C ILE A 16 -15.11 -11.39 7.09
N LYS A 17 -15.59 -12.53 6.58
CA LYS A 17 -15.08 -13.85 6.97
C LYS A 17 -15.01 -13.97 8.50
N GLY A 18 -16.06 -13.48 9.16
CA GLY A 18 -16.17 -13.57 10.62
C GLY A 18 -15.26 -12.65 11.41
N ARG A 19 -14.67 -11.67 10.73
CA ARG A 19 -13.78 -10.68 11.36
C ARG A 19 -14.32 -9.30 11.02
N ARG A 20 -14.02 -8.31 11.85
CA ARG A 20 -14.40 -6.94 11.50
C ARG A 20 -13.25 -6.22 10.83
N MET A 21 -13.52 -5.65 9.67
CA MET A 21 -12.54 -4.81 8.98
C MET A 21 -12.97 -3.35 9.00
N ALA A 22 -11.99 -2.46 9.13
CA ALA A 22 -12.25 -1.03 9.22
C ALA A 22 -11.88 -0.34 7.92
N TYR A 23 -12.59 0.74 7.59
CA TYR A 23 -12.34 1.46 6.35
C TYR A 23 -12.93 2.85 6.40
N ILE A 24 -12.39 3.73 5.56
CA ILE A 24 -12.97 5.05 5.33
C ILE A 24 -13.76 4.99 4.02
N ASP A 25 -14.95 5.57 4.01
CA ASP A 25 -15.78 5.61 2.81
C ASP A 25 -16.58 6.91 2.83
N GLU A 26 -16.13 7.89 2.04
CA GLU A 26 -16.72 9.24 2.09
C GLU A 26 -17.15 9.70 0.70
N GLY A 27 -18.31 10.34 0.62
CA GLY A 27 -18.75 10.90 -0.65
C GLY A 27 -19.50 9.92 -1.54
N THR A 28 -19.84 10.37 -2.76
CA THR A 28 -20.68 9.59 -3.67
C THR A 28 -20.04 9.46 -5.04
N GLY A 29 -20.49 8.46 -5.80
CA GLY A 29 -20.07 8.26 -7.17
C GLY A 29 -19.09 7.11 -7.32
N ASP A 30 -18.28 7.16 -8.38
CA ASP A 30 -17.34 6.08 -8.66
C ASP A 30 -16.17 6.14 -7.67
N PRO A 31 -15.73 4.97 -7.15
CA PRO A 31 -14.69 4.95 -6.11
C PRO A 31 -13.34 5.46 -6.57
N ILE A 32 -12.65 6.13 -5.65
CA ILE A 32 -11.23 6.36 -5.76
C ILE A 32 -10.69 5.62 -4.52
N LEU A 33 -9.99 4.51 -4.79
CA LEU A 33 -9.70 3.51 -3.80
C LEU A 33 -8.22 3.54 -3.43
N PHE A 34 -7.94 3.95 -2.18
CA PHE A 34 -6.57 4.19 -1.73
C PHE A 34 -6.15 2.98 -0.89
N GLN A 35 -5.05 2.32 -1.25
CA GLN A 35 -4.59 1.15 -0.49
C GLN A 35 -3.16 1.27 0.08
N HIS A 36 -3.09 1.35 1.40
CA HIS A 36 -1.82 1.32 2.14
C HIS A 36 -1.15 -0.02 2.11
N GLY A 37 0.11 -0.07 2.52
CA GLY A 37 0.81 -1.34 2.70
C GLY A 37 1.43 -1.44 4.09
N ASN A 38 2.63 -1.98 4.17
CA ASN A 38 3.28 -2.21 5.48
C ASN A 38 4.10 -0.99 5.88
N PRO A 39 4.14 -0.63 7.18
CA PRO A 39 3.35 -1.06 8.33
C PRO A 39 2.28 -0.02 8.62
N THR A 40 1.61 0.45 7.57
CA THR A 40 0.74 1.62 7.69
C THR A 40 -0.74 1.24 7.78
N SER A 41 -1.63 2.19 7.50
CA SER A 41 -3.07 1.95 7.52
C SER A 41 -3.69 3.01 6.62
N SER A 42 -5.03 3.03 6.57
CA SER A 42 -5.75 4.11 5.87
C SER A 42 -5.20 5.50 6.24
N TYR A 43 -4.65 5.63 7.46
CA TYR A 43 -4.09 6.89 7.96
C TYR A 43 -3.06 7.52 7.02
N LEU A 44 -2.34 6.66 6.30
CA LEU A 44 -1.32 7.09 5.35
C LEU A 44 -1.82 8.13 4.34
N TRP A 45 -3.11 8.06 4.03
CA TRP A 45 -3.71 8.84 2.96
C TRP A 45 -4.44 10.06 3.45
N ARG A 46 -4.32 10.37 4.74
CA ARG A 46 -5.24 11.35 5.35
C ARG A 46 -5.13 12.76 4.77
N ASN A 47 -3.94 13.14 4.31
CA ASN A 47 -3.71 14.48 3.74
C ASN A 47 -3.73 14.50 2.22
N ILE A 48 -4.00 13.34 1.66
CA ILE A 48 -4.06 13.18 0.21
C ILE A 48 -5.50 13.08 -0.26
N MET A 49 -6.30 12.28 0.43
CA MET A 49 -7.71 12.10 0.08
C MET A 49 -8.53 13.40 -0.03
N PRO A 50 -8.31 14.41 0.86
CA PRO A 50 -9.06 15.67 0.70
C PRO A 50 -8.97 16.34 -0.67
N HIS A 51 -7.86 16.13 -1.38
CA HIS A 51 -7.72 16.69 -2.73
C HIS A 51 -8.73 16.15 -3.70
N CYS A 52 -9.27 14.98 -3.42
CA CYS A 52 -10.24 14.36 -4.33
C CYS A 52 -11.68 14.60 -3.90
N ALA A 53 -11.89 15.54 -2.98
CA ALA A 53 -13.24 15.83 -2.48
C ALA A 53 -14.15 16.17 -3.66
N GLY A 54 -15.32 15.54 -3.69
CA GLY A 54 -16.31 15.74 -4.73
C GLY A 54 -16.01 15.11 -6.08
N LEU A 55 -14.88 14.41 -6.20
CA LEU A 55 -14.51 13.77 -7.48
C LEU A 55 -14.92 12.30 -7.54
N GLY A 56 -15.37 11.79 -6.39
CA GLY A 56 -15.91 10.44 -6.35
C GLY A 56 -16.06 9.96 -4.93
N ARG A 57 -16.30 8.66 -4.81
CA ARG A 57 -16.46 8.03 -3.53
C ARG A 57 -15.06 7.65 -3.01
N LEU A 58 -14.64 8.28 -1.90
CA LEU A 58 -13.25 8.17 -1.42
C LEU A 58 -13.13 7.09 -0.35
N ILE A 59 -12.39 6.03 -0.69
CA ILE A 59 -12.35 4.81 0.13
C ILE A 59 -10.91 4.47 0.50
N ALA A 60 -10.67 4.16 1.77
CA ALA A 60 -9.36 3.68 2.21
C ALA A 60 -9.57 2.58 3.24
N CYS A 61 -9.17 1.36 2.89
CA CYS A 61 -9.40 0.20 3.75
C CYS A 61 -8.18 -0.09 4.59
N ASP A 62 -8.41 -0.56 5.82
CA ASP A 62 -7.34 -1.06 6.69
C ASP A 62 -7.20 -2.56 6.44
N LEU A 63 -6.03 -2.99 5.96
CA LEU A 63 -5.79 -4.42 5.76
C LEU A 63 -6.00 -5.20 7.04
N ILE A 64 -6.35 -6.47 6.90
CA ILE A 64 -6.57 -7.31 8.08
C ILE A 64 -5.37 -7.28 9.03
N GLY A 65 -5.63 -7.22 10.33
CA GLY A 65 -4.56 -7.15 11.32
C GLY A 65 -3.86 -5.80 11.41
N MET A 66 -4.34 -4.84 10.63
CA MET A 66 -3.70 -3.50 10.58
C MET A 66 -4.74 -2.43 10.81
N GLY A 67 -4.28 -1.22 11.13
CA GLY A 67 -5.19 -0.12 11.45
C GLY A 67 -6.19 -0.51 12.52
N ASP A 68 -7.47 -0.29 12.22
CA ASP A 68 -8.56 -0.65 13.13
C ASP A 68 -9.25 -1.96 12.74
N SER A 69 -8.66 -2.68 11.79
CA SER A 69 -9.17 -4.01 11.42
C SER A 69 -8.79 -5.05 12.46
N ASP A 70 -9.62 -6.09 12.58
CA ASP A 70 -9.39 -7.14 13.57
C ASP A 70 -8.09 -7.86 13.32
N LYS A 71 -7.45 -8.30 14.39
CA LYS A 71 -6.35 -9.23 14.29
C LYS A 71 -6.89 -10.61 13.94
N LEU A 72 -6.08 -11.41 13.26
CA LEU A 72 -6.40 -12.81 13.05
C LEU A 72 -6.05 -13.53 14.34
N ASP A 73 -6.89 -14.47 14.74
CA ASP A 73 -6.59 -15.28 15.92
C ASP A 73 -7.00 -16.71 15.61
N PRO A 74 -6.12 -17.69 15.89
CA PRO A 74 -4.77 -17.57 16.44
C PRO A 74 -3.76 -17.12 15.38
N SER A 75 -2.99 -16.10 15.70
CA SER A 75 -1.92 -15.64 14.81
C SER A 75 -0.62 -16.43 15.03
N GLY A 76 0.21 -16.50 14.00
CA GLY A 76 1.50 -17.20 14.09
C GLY A 76 2.29 -17.03 12.79
N PRO A 77 3.45 -17.72 12.68
CA PRO A 77 4.33 -17.54 11.51
C PRO A 77 3.69 -17.87 10.16
N GLU A 78 2.57 -18.59 10.17
CA GLU A 78 1.92 -18.96 8.91
C GLU A 78 0.75 -18.03 8.54
N ARG A 79 0.46 -17.07 9.42
CA ARG A 79 -0.65 -16.14 9.19
C ARG A 79 -0.20 -14.86 8.51
N TYR A 80 -1.14 -14.17 7.86
CA TYR A 80 -0.91 -12.86 7.23
C TYR A 80 0.00 -12.94 6.00
N THR A 81 -0.05 -14.07 5.31
CA THR A 81 0.56 -14.17 3.99
C THR A 81 -0.18 -13.23 3.03
N TYR A 82 0.46 -12.96 1.88
CA TYR A 82 -0.19 -12.20 0.82
C TYR A 82 -1.54 -12.84 0.45
N ALA A 83 -1.54 -14.16 0.29
CA ALA A 83 -2.76 -14.89 -0.09
C ALA A 83 -3.89 -14.68 0.92
N GLU A 84 -3.56 -14.69 2.21
CA GLU A 84 -4.58 -14.48 3.25
C GLU A 84 -5.11 -13.05 3.23
N HIS A 85 -4.21 -12.06 3.10
CA HIS A 85 -4.61 -10.65 2.97
C HIS A 85 -5.50 -10.43 1.80
N ARG A 86 -5.16 -11.06 0.67
CA ARG A 86 -5.97 -10.95 -0.55
C ARG A 86 -7.37 -11.51 -0.38
N ASP A 87 -7.49 -12.65 0.30
CA ASP A 87 -8.82 -13.21 0.60
C ASP A 87 -9.71 -12.21 1.36
N TYR A 88 -9.14 -11.55 2.37
CA TYR A 88 -9.91 -10.56 3.13
C TYR A 88 -10.21 -9.30 2.34
N LEU A 89 -9.21 -8.78 1.64
CA LEU A 89 -9.39 -7.54 0.90
C LEU A 89 -10.33 -7.73 -0.29
N ASP A 90 -10.20 -8.85 -1.01
CA ASP A 90 -11.11 -9.17 -2.12
C ASP A 90 -12.54 -9.16 -1.59
N ALA A 91 -12.74 -9.79 -0.44
CA ALA A 91 -14.07 -9.92 0.13
C ALA A 91 -14.62 -8.56 0.59
N LEU A 92 -13.75 -7.73 1.17
CA LEU A 92 -14.13 -6.37 1.58
C LEU A 92 -14.51 -5.50 0.37
N TRP A 93 -13.70 -5.56 -0.67
CA TRP A 93 -13.96 -4.80 -1.88
C TRP A 93 -15.22 -5.23 -2.59
N GLU A 94 -15.51 -6.53 -2.55
CA GLU A 94 -16.78 -7.05 -3.06
C GLU A 94 -17.96 -6.50 -2.23
N ALA A 95 -17.79 -6.54 -0.92
CA ALA A 95 -18.84 -6.09 0.00
C ALA A 95 -19.16 -4.60 -0.12
N LEU A 96 -18.19 -3.81 -0.59
CA LEU A 96 -18.32 -2.34 -0.70
C LEU A 96 -19.09 -1.85 -1.93
N ASP A 97 -19.41 -2.75 -2.85
CA ASP A 97 -20.21 -2.44 -4.04
C ASP A 97 -19.56 -1.31 -4.84
N LEU A 98 -18.36 -1.57 -5.34
CA LEU A 98 -17.54 -0.54 -5.98
C LEU A 98 -17.96 -0.17 -7.40
N GLY A 99 -18.71 -1.05 -8.05
CA GLY A 99 -19.15 -0.79 -9.42
C GLY A 99 -18.04 -1.07 -10.43
N ASP A 100 -18.13 -0.46 -11.60
CA ASP A 100 -17.20 -0.84 -12.68
C ASP A 100 -16.33 0.27 -13.28
N ARG A 101 -16.22 1.38 -12.56
CA ARG A 101 -15.28 2.46 -12.93
C ARG A 101 -14.44 2.90 -11.73
N VAL A 102 -13.60 2.00 -11.25
CA VAL A 102 -12.77 2.24 -10.07
C VAL A 102 -11.42 2.87 -10.42
N VAL A 103 -11.04 3.91 -9.69
CA VAL A 103 -9.66 4.42 -9.76
C VAL A 103 -8.90 3.89 -8.54
N LEU A 104 -7.81 3.17 -8.77
CA LEU A 104 -6.99 2.63 -7.69
C LEU A 104 -5.83 3.58 -7.41
N VAL A 105 -5.52 3.81 -6.14
CA VAL A 105 -4.35 4.61 -5.76
C VAL A 105 -3.57 3.75 -4.78
N VAL A 106 -2.34 3.37 -5.14
CA VAL A 106 -1.67 2.30 -4.40
C VAL A 106 -0.23 2.60 -3.98
N HIS A 107 0.21 1.90 -2.93
CA HIS A 107 1.55 2.03 -2.34
C HIS A 107 2.02 0.72 -1.74
N ASP A 108 3.29 0.35 -1.96
CA ASP A 108 3.92 -0.71 -1.15
C ASP A 108 3.10 -2.02 -1.34
N TRP A 109 2.72 -2.69 -0.25
CA TRP A 109 1.91 -3.92 -0.39
C TRP A 109 0.55 -3.66 -0.97
N GLY A 110 0.09 -2.43 -0.81
CA GLY A 110 -1.16 -1.98 -1.43
C GLY A 110 -1.05 -2.03 -2.94
N SER A 111 0.17 -1.87 -3.47
CA SER A 111 0.37 -2.01 -4.91
C SER A 111 0.39 -3.46 -5.39
N VAL A 112 0.97 -4.37 -4.60
CA VAL A 112 0.91 -5.79 -4.98
C VAL A 112 -0.55 -6.22 -4.98
N LEU A 113 -1.27 -5.90 -3.92
CA LEU A 113 -2.70 -6.20 -3.82
C LEU A 113 -3.53 -5.55 -4.92
N GLY A 114 -3.30 -4.25 -5.14
CA GLY A 114 -4.09 -3.46 -6.08
C GLY A 114 -3.79 -3.82 -7.52
N PHE A 115 -2.50 -4.03 -7.84
CA PHE A 115 -2.14 -4.40 -9.22
C PHE A 115 -2.71 -5.78 -9.58
N ASP A 116 -2.63 -6.71 -8.63
CA ASP A 116 -3.20 -8.06 -8.78
C ASP A 116 -4.72 -8.01 -8.91
N TRP A 117 -5.39 -7.25 -8.04
CA TRP A 117 -6.84 -7.08 -8.15
C TRP A 117 -7.21 -6.49 -9.49
N ALA A 118 -6.48 -5.46 -9.93
CA ALA A 118 -6.77 -4.80 -11.21
C ALA A 118 -6.63 -5.77 -12.37
N ARG A 119 -5.58 -6.60 -12.34
CA ARG A 119 -5.40 -7.62 -13.39
C ARG A 119 -6.61 -8.56 -13.46
N ARG A 120 -7.10 -8.96 -12.31
CA ARG A 120 -8.21 -9.90 -12.21
C ARG A 120 -9.58 -9.27 -12.50
N HIS A 121 -9.67 -7.95 -12.35
CA HIS A 121 -10.94 -7.21 -12.52
C HIS A 121 -10.78 -6.08 -13.50
N ARG A 122 -10.02 -6.33 -14.56
CA ARG A 122 -9.58 -5.24 -15.44
C ARG A 122 -10.70 -4.41 -16.06
N GLU A 123 -11.84 -5.05 -16.33
CA GLU A 123 -12.99 -4.34 -16.92
C GLU A 123 -13.55 -3.25 -16.00
N ARG A 124 -13.26 -3.36 -14.72
CA ARG A 124 -13.81 -2.45 -13.71
C ARG A 124 -12.85 -1.33 -13.31
N VAL A 125 -11.66 -1.32 -13.92
CA VAL A 125 -10.60 -0.37 -13.54
C VAL A 125 -10.48 0.77 -14.54
N GLN A 126 -10.80 1.97 -14.06
CA GLN A 126 -10.76 3.18 -14.88
C GLN A 126 -9.40 3.84 -14.90
N GLY A 127 -8.64 3.73 -13.82
CA GLY A 127 -7.30 4.31 -13.80
C GLY A 127 -6.53 3.73 -12.63
N ILE A 128 -5.21 3.76 -12.75
CA ILE A 128 -4.32 3.26 -11.69
C ILE A 128 -3.25 4.31 -11.41
N ALA A 129 -3.25 4.83 -10.18
CA ALA A 129 -2.21 5.74 -9.72
C ALA A 129 -1.35 4.96 -8.72
N TYR A 130 -0.03 5.05 -8.88
CA TYR A 130 0.87 4.24 -8.05
C TYR A 130 2.16 4.96 -7.72
N MET A 131 2.75 4.59 -6.58
CA MET A 131 3.97 5.22 -6.11
C MET A 131 4.68 4.25 -5.18
N GLU A 132 6.01 4.20 -5.28
CA GLU A 132 6.80 3.36 -4.37
C GLU A 132 6.18 1.96 -4.23
N ALA A 133 6.06 1.34 -5.41
CA ALA A 133 5.30 0.14 -5.67
C ALA A 133 6.20 -1.01 -6.11
N VAL A 134 5.68 -2.23 -5.95
CA VAL A 134 6.35 -3.43 -6.44
C VAL A 134 5.88 -3.61 -7.89
N THR A 135 6.71 -3.11 -8.80
CA THR A 135 6.33 -3.06 -10.20
C THR A 135 6.53 -4.41 -10.90
N MET A 136 7.34 -5.28 -10.28
CA MET A 136 7.67 -6.60 -10.83
C MET A 136 8.40 -7.39 -9.74
N PRO A 137 8.57 -8.72 -9.93
CA PRO A 137 9.40 -9.42 -8.92
C PRO A 137 10.81 -8.83 -8.84
N LEU A 138 11.38 -8.88 -7.64
CA LEU A 138 12.71 -8.33 -7.38
C LEU A 138 13.81 -9.38 -7.46
N GLU A 139 15.00 -8.89 -7.76
CA GLU A 139 16.25 -9.60 -7.45
C GLU A 139 16.89 -8.79 -6.32
N TRP A 140 17.88 -9.35 -5.64
CA TRP A 140 18.51 -8.62 -4.54
C TRP A 140 19.08 -7.30 -4.98
N ALA A 141 19.57 -7.24 -6.21
CA ALA A 141 20.12 -6.00 -6.78
C ALA A 141 19.09 -4.86 -6.81
N ASP A 142 17.81 -5.22 -6.84
CA ASP A 142 16.70 -4.27 -6.90
C ASP A 142 16.27 -3.80 -5.53
N PHE A 143 16.75 -4.46 -4.49
CA PHE A 143 16.38 -4.03 -3.15
C PHE A 143 17.38 -2.98 -2.64
N PRO A 144 16.89 -1.83 -2.15
CA PRO A 144 17.80 -0.74 -1.79
C PRO A 144 18.94 -1.23 -0.90
N GLU A 145 20.16 -0.97 -1.33
CA GLU A 145 21.35 -1.59 -0.76
C GLU A 145 21.50 -1.40 0.75
N GLN A 146 21.19 -0.20 1.23
CA GLN A 146 21.36 0.14 2.64
C GLN A 146 20.42 -0.61 3.57
N ASP A 147 19.30 -1.09 3.03
CA ASP A 147 18.31 -1.79 3.83
C ASP A 147 18.32 -3.30 3.60
N ARG A 148 19.20 -3.78 2.74
CA ARG A 148 19.29 -5.21 2.43
C ARG A 148 19.51 -6.09 3.66
N ASP A 149 20.51 -5.75 4.46
CA ASP A 149 20.84 -6.57 5.63
C ASP A 149 19.65 -6.68 6.57
N LEU A 150 18.98 -5.56 6.82
CA LEU A 150 17.83 -5.58 7.73
C LEU A 150 16.69 -6.47 7.21
N PHE A 151 16.34 -6.31 5.93
CA PHE A 151 15.28 -7.11 5.35
C PHE A 151 15.65 -8.59 5.23
N GLN A 152 16.92 -8.86 4.97
CA GLN A 152 17.42 -10.22 5.05
C GLN A 152 17.25 -10.80 6.47
N ALA A 153 17.48 -9.99 7.49
CA ALA A 153 17.27 -10.40 8.87
C ALA A 153 15.79 -10.66 9.18
N PHE A 154 14.89 -9.82 8.66
CA PHE A 154 13.45 -10.09 8.80
C PHE A 154 13.11 -11.47 8.21
N ARG A 155 13.73 -11.77 7.07
CA ARG A 155 13.54 -13.05 6.36
C ARG A 155 14.47 -14.14 6.89
N SER A 156 14.76 -14.10 8.19
CA SER A 156 15.54 -15.15 8.86
C SER A 156 14.88 -15.34 10.23
N GLN A 157 15.44 -16.26 11.01
CA GLN A 157 14.94 -16.53 12.36
C GLN A 157 15.02 -15.31 13.28
N ALA A 158 15.86 -14.34 12.94
CA ALA A 158 16.00 -13.10 13.72
C ALA A 158 14.77 -12.21 13.65
N GLY A 159 13.91 -12.45 12.66
CA GLY A 159 12.75 -11.59 12.43
C GLY A 159 11.78 -11.44 13.61
N GLU A 160 11.50 -12.53 14.32
CA GLU A 160 10.55 -12.47 15.45
C GLU A 160 11.02 -11.50 16.55
N GLU A 161 12.30 -11.58 16.94
CA GLU A 161 12.83 -10.64 17.94
C GLU A 161 12.78 -9.19 17.45
N LEU A 162 13.25 -8.97 16.23
CA LEU A 162 13.26 -7.63 15.66
C LEU A 162 11.86 -7.02 15.63
N VAL A 163 10.91 -7.80 15.10
CA VAL A 163 9.58 -7.27 14.83
C VAL A 163 8.57 -7.52 15.95
N LEU A 164 8.31 -8.77 16.31
CA LEU A 164 7.32 -9.04 17.37
C LEU A 164 7.72 -8.47 18.72
N GLN A 165 8.99 -8.63 19.09
CA GLN A 165 9.46 -8.15 20.37
C GLN A 165 9.76 -6.65 20.36
N ASP A 166 10.48 -6.19 19.33
CA ASP A 166 10.97 -4.79 19.32
C ASP A 166 10.29 -3.80 18.37
N ASN A 167 9.34 -4.28 17.56
CA ASN A 167 8.51 -3.40 16.72
C ASN A 167 9.37 -2.58 15.74
N VAL A 168 10.41 -3.21 15.20
CA VAL A 168 11.38 -2.54 14.32
C VAL A 168 10.74 -1.96 13.05
N PHE A 169 9.74 -2.63 12.49
CA PHE A 169 9.18 -2.11 11.24
C PHE A 169 8.48 -0.76 11.47
N VAL A 170 7.64 -0.72 12.50
CA VAL A 170 6.96 0.52 12.88
C VAL A 170 7.89 1.60 13.40
N GLU A 171 8.85 1.22 14.25
CA GLU A 171 9.63 2.22 14.99
C GLU A 171 10.93 2.64 14.33
N GLN A 172 11.47 1.80 13.45
CA GLN A 172 12.72 2.11 12.78
C GLN A 172 12.56 2.28 11.27
N VAL A 173 11.98 1.29 10.58
CA VAL A 173 11.86 1.36 9.12
C VAL A 173 10.98 2.54 8.68
N LEU A 174 9.81 2.65 9.33
CA LEU A 174 8.84 3.67 8.98
C LEU A 174 9.41 5.11 9.04
N PRO A 175 9.86 5.58 10.21
CA PRO A 175 10.42 6.95 10.20
C PRO A 175 11.71 7.06 9.39
N GLY A 176 12.45 5.95 9.29
CA GLY A 176 13.69 5.93 8.54
C GLY A 176 13.51 6.18 7.06
N LEU A 177 12.29 6.00 6.56
CA LEU A 177 12.02 6.17 5.13
C LEU A 177 11.05 7.32 4.85
N ILE A 178 10.99 8.25 5.79
CA ILE A 178 10.25 9.52 5.69
C ILE A 178 11.28 10.62 5.91
N LEU A 179 11.30 11.60 5.01
CA LEU A 179 12.32 12.66 5.04
C LEU A 179 12.10 13.74 6.12
N ARG A 180 10.84 14.08 6.38
CA ARG A 180 10.56 15.07 7.41
C ARG A 180 10.26 14.39 8.75
N PRO A 181 10.56 15.06 9.88
CA PRO A 181 10.25 14.48 11.19
C PRO A 181 8.74 14.35 11.44
N LEU A 182 8.31 13.17 11.89
CA LEU A 182 6.91 12.95 12.26
C LEU A 182 6.61 13.56 13.62
N SER A 183 5.37 14.05 13.81
CA SER A 183 4.95 14.55 15.12
C SER A 183 4.63 13.41 16.08
N GLU A 184 4.49 13.73 17.36
CA GLU A 184 4.08 12.76 18.38
C GLU A 184 2.75 12.09 18.01
N ALA A 185 1.78 12.91 17.57
CA ALA A 185 0.47 12.39 17.21
C ALA A 185 0.52 11.46 15.99
N GLU A 186 1.34 11.82 15.00
CA GLU A 186 1.48 10.98 13.80
C GLU A 186 2.05 9.61 14.13
N MET A 187 3.14 9.56 14.92
CA MET A 187 3.69 8.27 15.33
C MET A 187 2.73 7.48 16.24
N ALA A 188 1.97 8.18 17.09
CA ALA A 188 0.95 7.52 17.93
C ALA A 188 -0.07 6.78 17.06
N ALA A 189 -0.50 7.43 15.98
CA ALA A 189 -1.44 6.80 15.05
C ALA A 189 -0.86 5.57 14.34
N TYR A 190 0.42 5.66 13.95
CA TYR A 190 1.06 4.50 13.31
C TYR A 190 1.36 3.37 14.29
N ARG A 191 1.71 3.74 15.53
CA ARG A 191 2.01 2.76 16.59
C ARG A 191 0.77 2.04 17.11
N GLU A 192 -0.38 2.70 17.08
CA GLU A 192 -1.56 2.22 17.83
C GLU A 192 -1.97 0.75 17.59
N PRO A 193 -1.99 0.29 16.31
CA PRO A 193 -2.40 -1.11 16.12
C PRO A 193 -1.36 -2.12 16.61
N PHE A 194 -0.18 -1.63 17.01
CA PHE A 194 0.99 -2.46 17.27
C PHE A 194 1.62 -2.16 18.63
N LEU A 195 0.81 -1.66 19.55
CA LEU A 195 1.30 -1.28 20.89
C LEU A 195 1.76 -2.47 21.72
N ALA A 196 1.08 -3.60 21.56
CA ALA A 196 1.37 -4.82 22.31
C ALA A 196 2.44 -5.63 21.60
N ALA A 197 3.46 -6.05 22.35
CA ALA A 197 4.43 -7.00 21.83
C ALA A 197 3.75 -8.32 21.50
N GLY A 198 4.36 -9.07 20.58
CA GLY A 198 3.91 -10.41 20.24
C GLY A 198 3.10 -10.40 18.96
N GLU A 199 2.10 -11.27 18.89
CA GLU A 199 1.37 -11.51 17.63
C GLU A 199 0.63 -10.31 17.04
N ALA A 200 0.30 -9.31 17.85
CA ALA A 200 -0.32 -8.08 17.32
C ALA A 200 0.54 -7.47 16.22
N ARG A 201 1.85 -7.70 16.29
CA ARG A 201 2.80 -7.14 15.33
C ARG A 201 3.10 -8.06 14.16
N ARG A 202 2.52 -9.25 14.15
CA ARG A 202 2.81 -10.26 13.12
C ARG A 202 2.65 -9.76 11.65
N PRO A 203 1.60 -8.96 11.35
CA PRO A 203 1.48 -8.49 9.96
C PRO A 203 2.73 -7.74 9.48
N THR A 204 3.41 -7.03 10.37
CA THR A 204 4.57 -6.21 9.99
C THR A 204 5.84 -7.04 9.78
N LEU A 205 5.80 -8.31 10.18
CA LEU A 205 6.87 -9.29 9.91
C LEU A 205 6.53 -10.23 8.76
N SER A 206 5.29 -10.71 8.71
CA SER A 206 4.84 -11.56 7.60
C SER A 206 5.00 -10.83 6.26
N TRP A 207 4.79 -9.51 6.24
CA TRP A 207 4.94 -8.73 5.00
C TRP A 207 6.33 -8.77 4.40
N PRO A 208 7.40 -8.42 5.16
CA PRO A 208 8.73 -8.46 4.53
C PRO A 208 9.11 -9.88 4.11
N ARG A 209 8.57 -10.88 4.82
CA ARG A 209 8.80 -12.28 4.46
C ARG A 209 8.14 -12.70 3.15
N GLN A 210 7.17 -11.90 2.71
CA GLN A 210 6.40 -12.19 1.48
C GLN A 210 6.89 -11.45 0.25
N ILE A 211 7.84 -10.52 0.42
CA ILE A 211 8.31 -9.74 -0.72
C ILE A 211 8.92 -10.69 -1.76
N PRO A 212 8.47 -10.56 -3.03
CA PRO A 212 8.96 -11.45 -4.08
C PRO A 212 10.40 -11.07 -4.44
N ILE A 213 11.38 -11.77 -3.86
CA ILE A 213 12.80 -11.46 -4.08
C ILE A 213 13.54 -12.74 -4.40
N ALA A 214 14.28 -12.73 -5.52
CA ALA A 214 15.07 -13.87 -5.99
C ALA A 214 14.26 -15.18 -5.98
N GLY A 215 13.01 -15.09 -6.44
CA GLY A 215 12.15 -16.26 -6.63
C GLY A 215 11.35 -16.78 -5.45
N THR A 216 11.51 -16.13 -4.29
CA THR A 216 10.88 -16.55 -3.03
C THR A 216 10.11 -15.38 -2.40
N PRO A 217 8.86 -15.61 -1.95
CA PRO A 217 8.11 -16.87 -2.06
C PRO A 217 7.56 -17.04 -3.45
N ALA A 218 7.52 -18.28 -3.94
CA ALA A 218 7.17 -18.52 -5.34
C ALA A 218 5.77 -18.03 -5.72
N ASP A 219 4.79 -18.16 -4.81
CA ASP A 219 3.43 -17.73 -5.16
C ASP A 219 3.34 -16.23 -5.43
N VAL A 220 3.96 -15.43 -4.57
CA VAL A 220 3.93 -13.97 -4.76
C VAL A 220 4.76 -13.56 -5.97
N VAL A 221 5.89 -14.22 -6.20
CA VAL A 221 6.67 -14.00 -7.42
C VAL A 221 5.78 -14.19 -8.67
N ALA A 222 4.99 -15.27 -8.69
CA ALA A 222 4.17 -15.57 -9.87
C ALA A 222 3.06 -14.53 -10.06
N ILE A 223 2.47 -14.10 -8.95
CA ILE A 223 1.46 -13.05 -8.97
C ILE A 223 2.03 -11.73 -9.52
N ALA A 224 3.25 -11.38 -9.09
CA ALA A 224 3.87 -10.13 -9.52
C ALA A 224 4.35 -10.24 -10.97
N ARG A 225 4.84 -11.42 -11.35
CA ARG A 225 5.20 -11.68 -12.75
C ARG A 225 3.98 -11.49 -13.65
N ASP A 226 2.84 -12.02 -13.22
CA ASP A 226 1.58 -11.95 -13.96
C ASP A 226 1.13 -10.50 -14.16
N TYR A 227 1.06 -9.73 -13.08
CA TYR A 227 0.64 -8.34 -13.23
C TYR A 227 1.67 -7.43 -13.90
N ALA A 228 2.95 -7.78 -13.78
CA ALA A 228 3.99 -7.04 -14.50
C ALA A 228 3.78 -7.17 -16.01
N GLY A 229 3.55 -8.38 -16.50
CA GLY A 229 3.33 -8.60 -17.93
C GLY A 229 2.08 -7.86 -18.41
N TRP A 230 1.02 -7.97 -17.62
CA TRP A 230 -0.25 -7.33 -17.93
C TRP A 230 -0.18 -5.82 -17.96
N LEU A 231 0.41 -5.22 -16.92
CA LEU A 231 0.51 -3.75 -16.86
C LEU A 231 1.35 -3.19 -18.00
N SER A 232 2.36 -3.96 -18.43
CA SER A 232 3.24 -3.53 -19.50
C SER A 232 2.52 -3.47 -20.85
N GLU A 233 1.32 -4.05 -20.94
CA GLU A 233 0.53 -4.06 -22.17
C GLU A 233 -0.84 -3.38 -22.05
N SER A 234 -1.28 -3.13 -20.82
CA SER A 234 -2.64 -2.63 -20.60
C SER A 234 -2.81 -1.17 -21.02
N PRO A 235 -3.90 -0.86 -21.76
CA PRO A 235 -4.09 0.54 -22.14
C PRO A 235 -4.80 1.36 -21.05
N ILE A 236 -5.05 0.77 -19.89
CA ILE A 236 -5.69 1.50 -18.80
C ILE A 236 -4.82 2.72 -18.45
N PRO A 237 -5.44 3.91 -18.33
CA PRO A 237 -4.61 5.08 -17.98
C PRO A 237 -3.93 4.92 -16.62
N LYS A 238 -2.69 5.40 -16.55
CA LYS A 238 -1.85 5.26 -15.36
C LYS A 238 -1.24 6.60 -14.93
N LEU A 239 -1.08 6.78 -13.62
CA LEU A 239 -0.31 7.87 -13.07
C LEU A 239 0.80 7.29 -12.21
N PHE A 240 2.03 7.53 -12.63
CA PHE A 240 3.19 7.09 -11.86
C PHE A 240 3.72 8.29 -11.09
N ILE A 241 3.59 8.24 -9.77
CA ILE A 241 4.21 9.29 -8.94
C ILE A 241 5.59 8.79 -8.53
N ASN A 242 6.59 9.28 -9.26
CA ASN A 242 7.99 8.99 -8.99
C ASN A 242 8.46 9.79 -7.77
N ALA A 243 9.50 9.30 -7.10
CA ALA A 243 10.05 9.99 -5.93
C ALA A 243 11.56 10.22 -6.02
N GLU A 244 11.98 11.34 -5.45
CA GLU A 244 13.39 11.71 -5.32
C GLU A 244 13.71 11.93 -3.85
N PRO A 245 14.66 11.16 -3.28
CA PRO A 245 15.46 10.12 -3.92
C PRO A 245 14.68 8.84 -4.23
N GLY A 246 13.48 8.70 -3.65
CA GLY A 246 12.74 7.45 -3.77
C GLY A 246 13.44 6.33 -2.99
N HIS A 247 12.97 5.11 -3.18
CA HIS A 247 13.45 3.96 -2.43
C HIS A 247 13.28 2.73 -3.25
N LEU A 248 12.08 2.13 -3.23
CA LEU A 248 11.83 0.88 -3.97
C LEU A 248 11.73 1.07 -5.48
N THR A 249 10.98 2.09 -5.90
CA THR A 249 10.70 2.30 -7.33
C THR A 249 11.75 3.23 -7.95
N THR A 250 12.95 2.66 -8.05
CA THR A 250 14.14 3.31 -8.61
C THR A 250 14.85 2.24 -9.41
N GLY A 251 15.96 2.59 -10.06
CA GLY A 251 16.72 1.61 -10.83
C GLY A 251 15.86 0.84 -11.81
N ARG A 252 16.05 -0.48 -11.86
CA ARG A 252 15.35 -1.31 -12.84
C ARG A 252 13.86 -1.39 -12.55
N MET A 253 13.48 -1.28 -11.28
CA MET A 253 12.06 -1.27 -10.92
C MET A 253 11.32 -0.13 -11.62
N ARG A 254 11.97 1.04 -11.65
CA ARG A 254 11.45 2.22 -12.30
C ARG A 254 11.66 2.18 -13.81
N ASP A 255 12.81 1.68 -14.26
CA ASP A 255 13.02 1.51 -15.70
C ASP A 255 11.85 0.69 -16.27
N PHE A 256 11.48 -0.37 -15.57
CA PHE A 256 10.39 -1.21 -16.03
C PHE A 256 9.03 -0.51 -16.06
N CYS A 257 8.63 0.12 -14.97
CA CYS A 257 7.31 0.73 -14.95
C CYS A 257 7.23 1.93 -15.89
N ARG A 258 8.38 2.54 -16.20
CA ARG A 258 8.37 3.61 -17.17
C ARG A 258 8.06 3.14 -18.59
N THR A 259 8.00 1.82 -18.80
CA THR A 259 7.64 1.29 -20.12
C THR A 259 6.13 1.10 -20.23
N TRP A 260 5.40 1.32 -19.15
CA TRP A 260 3.96 1.00 -19.18
C TRP A 260 3.19 1.98 -20.01
N PRO A 261 2.23 1.47 -20.81
CA PRO A 261 1.46 2.35 -21.70
C PRO A 261 0.52 3.35 -21.03
N ASN A 262 0.26 4.43 -21.77
CA ASN A 262 -0.77 5.40 -21.42
C ASN A 262 -0.56 5.95 -20.00
N GLN A 263 0.65 6.40 -19.74
CA GLN A 263 1.06 6.77 -18.39
C GLN A 263 1.55 8.20 -18.32
N THR A 264 1.07 8.91 -17.30
CA THR A 264 1.54 10.25 -16.92
C THR A 264 2.48 10.09 -15.73
N GLU A 265 3.54 10.90 -15.65
CA GLU A 265 4.45 10.80 -14.52
C GLU A 265 4.72 12.19 -13.95
N ILE A 266 4.80 12.27 -12.62
CA ILE A 266 5.36 13.44 -11.96
C ILE A 266 6.41 12.96 -10.97
N THR A 267 7.31 13.84 -10.54
CA THR A 267 8.27 13.49 -9.49
C THR A 267 8.00 14.35 -8.25
N VAL A 268 7.93 13.71 -7.08
CA VAL A 268 7.80 14.45 -5.81
C VAL A 268 8.95 14.07 -4.87
N ALA A 269 9.17 14.91 -3.85
CA ALA A 269 10.18 14.65 -2.81
C ALA A 269 9.72 13.50 -1.90
N GLY A 270 10.63 12.58 -1.59
CA GLY A 270 10.32 11.48 -0.67
C GLY A 270 11.26 10.31 -0.82
N ALA A 271 11.24 9.41 0.15
CA ALA A 271 11.98 8.15 0.05
C ALA A 271 10.98 7.04 -0.20
N HIS A 272 10.47 6.38 0.85
CA HIS A 272 9.48 5.33 0.62
C HIS A 272 8.09 5.74 0.94
N PHE A 273 7.87 6.21 2.17
CA PHE A 273 6.54 6.60 2.60
C PHE A 273 6.27 8.05 2.20
N ILE A 274 6.20 8.27 0.88
CA ILE A 274 6.27 9.61 0.30
C ILE A 274 5.03 10.44 0.62
N GLN A 275 3.96 9.78 1.03
CA GLN A 275 2.72 10.46 1.44
C GLN A 275 2.94 11.42 2.61
N GLU A 276 3.94 11.13 3.43
CA GLU A 276 4.28 11.98 4.57
C GLU A 276 5.19 13.16 4.21
N ASP A 277 5.79 13.11 3.02
CA ASP A 277 6.69 14.18 2.59
C ASP A 277 6.06 15.16 1.62
N SER A 278 5.28 14.63 0.69
CA SER A 278 4.69 15.48 -0.35
C SER A 278 3.18 15.23 -0.53
N PRO A 279 2.39 15.26 0.56
CA PRO A 279 0.97 14.91 0.40
C PRO A 279 0.18 15.82 -0.55
N ASP A 280 0.46 17.12 -0.57
CA ASP A 280 -0.31 18.03 -1.43
C ASP A 280 0.04 17.88 -2.91
N GLU A 281 1.32 17.65 -3.21
CA GLU A 281 1.76 17.41 -4.58
C GLU A 281 1.15 16.10 -5.10
N ILE A 282 1.14 15.10 -4.23
CA ILE A 282 0.54 13.80 -4.57
C ILE A 282 -0.97 13.93 -4.77
N GLY A 283 -1.65 14.56 -3.81
CA GLY A 283 -3.10 14.75 -3.91
C GLY A 283 -3.50 15.55 -5.15
N ALA A 284 -2.77 16.64 -5.43
CA ALA A 284 -3.04 17.48 -6.61
C ALA A 284 -2.93 16.67 -7.92
N ALA A 285 -1.90 15.84 -8.01
CA ALA A 285 -1.72 14.99 -9.18
C ALA A 285 -2.81 13.94 -9.36
N ILE A 286 -3.20 13.29 -8.27
CA ILE A 286 -4.28 12.31 -8.30
C ILE A 286 -5.59 12.99 -8.71
N ALA A 287 -5.89 14.15 -8.14
CA ALA A 287 -7.12 14.87 -8.46
C ALA A 287 -7.19 15.24 -9.94
N ALA A 288 -6.07 15.76 -10.46
CA ALA A 288 -5.97 16.12 -11.89
C ALA A 288 -6.19 14.90 -12.80
N PHE A 289 -5.55 13.77 -12.45
CA PHE A 289 -5.71 12.48 -13.13
C PHE A 289 -7.18 12.06 -13.15
N VAL A 290 -7.82 12.08 -11.99
CA VAL A 290 -9.24 11.73 -11.89
C VAL A 290 -10.14 12.70 -12.69
N ARG A 291 -9.85 13.99 -12.66
CA ARG A 291 -10.62 14.96 -13.45
C ARG A 291 -10.57 14.65 -14.96
N ARG A 292 -9.40 14.24 -15.44
CA ARG A 292 -9.24 13.86 -16.85
C ARG A 292 -9.92 12.55 -17.18
N LEU A 293 -9.98 11.64 -16.20
CA LEU A 293 -10.69 10.38 -16.36
C LEU A 293 -12.20 10.54 -16.28
N ARG A 294 -12.64 11.61 -15.63
CA ARG A 294 -14.06 11.81 -15.33
C ARG A 294 -14.57 13.20 -15.75
N PRO A 295 -14.47 13.55 -17.04
CA PRO A 295 -14.86 14.88 -17.53
C PRO A 295 -16.37 15.11 -17.49
CL CL B . 7.43 -5.20 3.81
CL CL C . -21.41 4.33 -13.85
CA CA D . 13.01 10.20 8.94
#